data_8AEZ
#
_entry.id   8AEZ
#
_cell.length_a   99.451
_cell.length_b   99.451
_cell.length_c   120.609
_cell.angle_alpha   90
_cell.angle_beta   90
_cell.angle_gamma   120
#
_symmetry.space_group_name_H-M   'P 32 2 1'
#
loop_
_entity.id
_entity.type
_entity.pdbx_description
1 polymer 'Envelope glycoprotein gp130'
2 branched beta-D-mannopyranose-(1-4)-2-acetamido-2-deoxy-beta-D-glucopyranose-(1-4)-2-acetamido-2-deoxy-beta-D-glucopyranose
3 branched alpha-D-mannopyranose-(1-2)-alpha-D-mannopyranose-(1-2)-alpha-D-mannopyranose-(1-3)-[alpha-D-mannopyranose-(1-3)-alpha-D-mannopyranose-(1-6)]beta-D-mannopyranose-(1-4)-2-acetamido-2-deoxy-beta-D-glucopyranose-(1-4)-2-acetamido-2-deoxy-beta-D-glucopyranose
4 non-polymer 2-acetamido-2-deoxy-beta-D-glucopyranose
5 water water
#
_entity_poly.entity_id   1
_entity_poly.type   'polypeptide(L)'
_entity_poly.pdbx_seq_one_letter_code
;RDQEQYIHRKCYQEFAHCYLVKYKTPQPWPNEGLIADQCPLPGLADVSFYPYQAIWDYYAKIENIRPANWTSSKLYGKAR
MGSYYIPKRLRNINNTHILFCSDVLYSKWYNLQNSILQNENELTKRLSNLTIGNKLKNRALPYEWAKGGLNRLFRNISVL
DVCSRPEMVLLLNKTYYTFSLWEGDCNITRYNVNETVPECKDFPHRRFNDHPYSCRLWRYREGKEEVKCLTSDHTRCLYY
PEYSNPEALFDFGFLSYMRNFPGPQCIESTSIRQQDYEVYSIYQECKLASKTYGIDSVLFSLKNFLNYTGKPVNEMPNAR
AFVGLIDPKFPPTYPDDDDK
;
_entity_poly.pdbx_strand_id   A
#
# COMPACT_ATOMS: atom_id res chain seq x y z
N ARG A 1 -35.28 6.69 -17.67
CA ARG A 1 -35.62 6.27 -16.30
C ARG A 1 -35.62 4.74 -16.14
N ASP A 2 -36.32 4.00 -17.02
CA ASP A 2 -36.37 2.54 -16.99
C ASP A 2 -35.03 2.02 -17.51
N GLN A 3 -34.60 2.49 -18.70
CA GLN A 3 -33.32 2.09 -19.27
C GLN A 3 -32.15 2.77 -18.53
N GLU A 4 -32.37 3.97 -17.96
CA GLU A 4 -31.34 4.66 -17.19
C GLU A 4 -31.09 3.92 -15.88
N GLN A 5 -32.15 3.54 -15.14
CA GLN A 5 -31.99 2.79 -13.91
C GLN A 5 -31.50 1.36 -14.16
N TYR A 6 -31.74 0.81 -15.36
CA TYR A 6 -31.27 -0.52 -15.71
C TYR A 6 -29.75 -0.43 -15.97
N ILE A 7 -29.31 0.61 -16.72
CA ILE A 7 -27.89 0.82 -17.01
C ILE A 7 -27.16 1.08 -15.69
N HIS A 8 -27.74 1.92 -14.82
CA HIS A 8 -27.16 2.20 -13.51
C HIS A 8 -27.02 0.93 -12.67
N ARG A 9 -28.05 0.07 -12.63
CA ARG A 9 -27.96 -1.18 -11.86
C ARG A 9 -26.79 -2.05 -12.29
N LYS A 10 -26.64 -2.26 -13.60
CA LYS A 10 -25.59 -3.06 -14.20
C LYS A 10 -24.22 -2.44 -14.05
N CYS A 11 -24.10 -1.15 -14.35
CA CYS A 11 -22.86 -0.38 -14.23
C CYS A 11 -22.41 -0.25 -12.77
N TYR A 12 -23.34 -0.10 -11.85
CA TYR A 12 -23.02 0.05 -10.44
C TYR A 12 -22.57 -1.27 -9.84
N GLN A 13 -23.35 -2.36 -10.00
CA GLN A 13 -22.96 -3.63 -9.42
C GLN A 13 -21.59 -4.13 -9.91
N GLU A 14 -21.22 -3.80 -11.14
CA GLU A 14 -19.95 -4.24 -11.69
C GLU A 14 -18.78 -3.26 -11.48
N PHE A 15 -19.00 -1.95 -11.72
CA PHE A 15 -17.89 -0.99 -11.71
C PHE A 15 -17.98 0.17 -10.73
N ALA A 16 -18.87 0.12 -9.75
CA ALA A 16 -19.04 1.23 -8.80
C ALA A 16 -17.74 1.79 -8.21
N HIS A 17 -16.85 0.88 -7.76
CA HIS A 17 -15.62 1.28 -7.10
C HIS A 17 -14.40 1.05 -7.94
N CYS A 18 -14.54 0.97 -9.28
CA CYS A 18 -13.43 0.75 -10.18
C CYS A 18 -12.98 2.10 -10.74
N TYR A 19 -11.67 2.38 -10.69
CA TYR A 19 -11.06 3.64 -11.14
C TYR A 19 -9.77 3.36 -11.88
N LEU A 20 -9.37 4.30 -12.73
CA LEU A 20 -8.12 4.20 -13.47
C LEU A 20 -7.29 5.46 -13.20
N VAL A 21 -6.14 5.29 -12.55
CA VAL A 21 -5.25 6.39 -12.25
C VAL A 21 -4.16 6.42 -13.29
N LYS A 22 -3.95 7.57 -13.93
CA LYS A 22 -2.85 7.71 -14.87
C LYS A 22 -1.80 8.54 -14.20
N TYR A 23 -0.57 8.03 -14.17
CA TYR A 23 0.57 8.78 -13.63
C TYR A 23 0.91 9.83 -14.69
N LYS A 24 1.35 11.02 -14.27
CA LYS A 24 1.80 12.04 -15.22
C LYS A 24 3.01 11.53 -16.02
N THR A 25 3.89 10.86 -15.30
CA THR A 25 5.10 10.25 -15.77
C THR A 25 5.17 8.90 -15.08
N PRO A 26 5.43 7.81 -15.84
CA PRO A 26 5.59 6.49 -15.20
C PRO A 26 6.73 6.54 -14.20
N GLN A 27 6.42 6.33 -12.93
CA GLN A 27 7.37 6.39 -11.84
C GLN A 27 7.09 5.25 -10.90
N PRO A 28 8.00 4.26 -10.83
CA PRO A 28 7.79 3.14 -9.93
C PRO A 28 8.27 3.44 -8.51
N TRP A 29 7.92 2.56 -7.52
CA TRP A 29 8.44 2.64 -6.15
C TRP A 29 9.97 2.50 -6.27
N PRO A 30 10.72 3.48 -5.74
CA PRO A 30 12.14 3.57 -6.07
C PRO A 30 13.07 2.63 -5.33
N ASN A 31 12.62 2.07 -4.18
CA ASN A 31 13.48 1.22 -3.38
C ASN A 31 13.03 -0.23 -3.38
N GLU A 32 13.99 -1.14 -3.17
CA GLU A 32 13.69 -2.56 -3.03
C GLU A 32 13.28 -2.86 -1.58
N GLY A 33 13.83 -2.12 -0.62
CA GLY A 33 13.49 -2.31 0.78
C GLY A 33 12.57 -1.25 1.34
N LEU A 34 11.53 -1.70 2.08
CA LEU A 34 10.55 -0.86 2.75
C LEU A 34 10.69 -0.95 4.25
N ILE A 35 10.82 0.20 4.92
CA ILE A 35 10.89 0.26 6.38
C ILE A 35 9.52 0.71 6.84
N ALA A 36 8.76 -0.23 7.41
CA ALA A 36 7.40 -0.02 7.87
C ALA A 36 7.19 -0.63 9.28
N ASP A 37 7.87 -0.09 10.30
CA ASP A 37 7.76 -0.58 11.67
C ASP A 37 6.38 -0.45 12.30
N GLN A 38 5.50 0.39 11.71
CA GLN A 38 4.13 0.57 12.19
C GLN A 38 3.34 -0.73 12.10
N CYS A 39 3.73 -1.68 11.23
CA CYS A 39 3.02 -2.95 11.05
C CYS A 39 3.58 -4.00 12.03
N PRO A 40 2.71 -4.73 12.72
CA PRO A 40 3.21 -5.81 13.59
C PRO A 40 3.79 -6.93 12.72
N LEU A 41 4.81 -7.63 13.23
CA LEU A 41 5.43 -8.76 12.52
C LEU A 41 4.61 -10.05 12.72
N PRO A 42 4.84 -11.13 11.93
CA PRO A 42 4.03 -12.35 12.11
C PRO A 42 4.23 -13.07 13.43
N GLY A 43 5.41 -12.96 14.01
CA GLY A 43 5.67 -13.63 15.28
C GLY A 43 6.10 -15.08 15.12
N LEU A 44 6.79 -15.60 16.14
CA LEU A 44 7.36 -16.94 16.13
C LEU A 44 6.35 -18.04 16.37
N ALA A 45 5.28 -17.76 17.15
CA ALA A 45 4.23 -18.73 17.45
C ALA A 45 3.50 -19.23 16.20
N ASP A 46 2.85 -20.42 16.30
CA ASP A 46 2.11 -21.02 15.18
C ASP A 46 0.90 -20.15 14.86
N VAL A 47 0.20 -19.66 15.90
CA VAL A 47 -0.93 -18.75 15.74
C VAL A 47 -0.44 -17.32 16.10
N SER A 48 -0.58 -16.36 15.17
CA SER A 48 -0.16 -14.98 15.40
C SER A 48 -1.11 -14.28 16.38
N PHE A 49 -0.58 -13.28 17.09
CA PHE A 49 -1.38 -12.45 18.02
C PHE A 49 -2.19 -11.37 17.29
N TYR A 50 -1.86 -11.10 16.02
CA TYR A 50 -2.53 -10.16 15.16
C TYR A 50 -3.12 -10.89 13.96
N PRO A 51 -4.26 -10.41 13.43
CA PRO A 51 -4.82 -11.04 12.22
C PRO A 51 -3.85 -10.82 11.04
N TYR A 52 -3.89 -11.68 10.02
CA TYR A 52 -3.02 -11.55 8.85
C TYR A 52 -2.91 -10.11 8.30
N GLN A 53 -1.67 -9.64 8.13
CA GLN A 53 -1.35 -8.34 7.58
C GLN A 53 -0.89 -8.64 6.20
N ALA A 54 -1.53 -8.06 5.20
CA ALA A 54 -1.18 -8.27 3.80
C ALA A 54 0.29 -7.97 3.51
N ILE A 55 0.87 -7.01 4.24
CA ILE A 55 2.29 -6.67 4.09
C ILE A 55 3.23 -7.86 4.43
N TRP A 56 2.74 -8.85 5.23
CA TRP A 56 3.54 -10.03 5.53
C TRP A 56 3.93 -10.81 4.27
N ASP A 57 3.18 -10.66 3.17
CA ASP A 57 3.55 -11.27 1.90
C ASP A 57 4.95 -10.80 1.41
N TYR A 58 5.39 -9.61 1.85
CA TYR A 58 6.65 -9.00 1.42
C TYR A 58 7.73 -8.98 2.52
N TYR A 59 7.47 -9.62 3.64
CA TYR A 59 8.35 -9.71 4.79
C TYR A 59 9.63 -10.49 4.47
N ALA A 60 10.78 -9.90 4.80
CA ALA A 60 12.11 -10.48 4.66
C ALA A 60 12.44 -11.13 6.01
N LYS A 61 11.90 -12.32 6.23
CA LYS A 61 12.03 -13.10 7.46
C LYS A 61 13.43 -13.64 7.70
N ILE A 62 13.99 -13.31 8.88
CA ILE A 62 15.29 -13.80 9.30
C ILE A 62 15.15 -15.27 9.75
N GLU A 63 15.94 -16.16 9.14
CA GLU A 63 16.03 -17.55 9.57
C GLU A 63 17.40 -17.70 10.27
N ASN A 64 17.41 -18.31 11.45
CA ASN A 64 18.62 -18.53 12.25
C ASN A 64 19.64 -19.48 11.62
N ILE A 65 19.18 -20.42 10.78
CA ILE A 65 20.08 -21.37 10.15
C ILE A 65 19.98 -21.20 8.60
N ARG A 66 21.14 -21.06 7.94
CA ARG A 66 21.26 -20.86 6.48
C ARG A 66 22.55 -21.57 5.94
N PRO A 67 22.64 -21.88 4.63
CA PRO A 67 23.87 -22.51 4.10
C PRO A 67 25.11 -21.62 4.19
N ALA A 68 26.30 -22.24 4.11
CA ALA A 68 27.62 -21.60 4.26
C ALA A 68 27.83 -20.21 3.63
N ASN A 69 27.30 -19.96 2.43
CA ASN A 69 27.54 -18.69 1.77
C ASN A 69 26.26 -17.98 1.40
N TRP A 70 25.34 -17.95 2.35
CA TRP A 70 24.06 -17.31 2.16
C TRP A 70 24.15 -15.82 2.49
N THR A 71 23.58 -15.00 1.62
CA THR A 71 23.47 -13.56 1.82
C THR A 71 22.01 -13.15 1.56
N SER A 72 21.55 -12.08 2.23
CA SER A 72 20.18 -11.60 2.07
C SER A 72 19.84 -11.16 0.66
N SER A 73 20.84 -10.65 -0.09
CA SER A 73 20.69 -10.17 -1.47
C SER A 73 20.29 -11.23 -2.52
N LYS A 74 20.17 -12.50 -2.12
CA LYS A 74 19.75 -13.56 -3.03
C LYS A 74 18.22 -13.52 -3.23
N LEU A 75 17.46 -13.38 -2.12
CA LEU A 75 16.01 -13.38 -2.17
C LEU A 75 15.37 -12.01 -1.89
N TYR A 76 16.04 -11.19 -1.09
CA TYR A 76 15.47 -9.90 -0.64
C TYR A 76 16.28 -8.67 -1.07
N GLY A 77 17.15 -8.81 -2.07
CA GLY A 77 17.93 -7.71 -2.61
C GLY A 77 18.60 -6.83 -1.57
N LYS A 78 18.39 -5.50 -1.68
CA LYS A 78 18.96 -4.51 -0.78
C LYS A 78 18.16 -4.29 0.50
N ALA A 79 17.02 -4.98 0.67
CA ALA A 79 16.21 -4.82 1.87
C ALA A 79 16.94 -5.27 3.11
N ARG A 80 16.59 -4.65 4.26
CA ARG A 80 17.10 -5.04 5.55
C ARG A 80 16.29 -6.25 5.98
N MET A 81 16.96 -7.26 6.51
CA MET A 81 16.30 -8.45 7.06
C MET A 81 15.51 -8.01 8.28
N GLY A 82 14.29 -8.52 8.41
CA GLY A 82 13.40 -8.08 9.47
C GLY A 82 12.42 -7.04 8.97
N SER A 83 12.69 -6.43 7.79
CA SER A 83 11.79 -5.47 7.19
C SER A 83 11.14 -6.08 5.91
N TYR A 84 10.94 -5.33 4.81
CA TYR A 84 10.19 -5.82 3.67
C TYR A 84 10.93 -5.65 2.36
N TYR A 85 10.81 -6.65 1.45
CA TYR A 85 11.38 -6.65 0.10
C TYR A 85 10.23 -6.42 -0.88
N ILE A 86 10.36 -5.41 -1.74
CA ILE A 86 9.31 -5.08 -2.70
C ILE A 86 9.71 -5.72 -3.99
N PRO A 87 8.96 -6.74 -4.45
CA PRO A 87 9.35 -7.46 -5.67
C PRO A 87 9.29 -6.63 -6.94
N LYS A 88 10.04 -7.08 -7.98
CA LYS A 88 10.17 -6.46 -9.30
C LYS A 88 8.83 -6.02 -9.87
N ARG A 89 7.83 -6.93 -9.86
CA ARG A 89 6.48 -6.71 -10.38
C ARG A 89 5.76 -5.47 -9.79
N LEU A 90 6.05 -5.07 -8.54
CA LEU A 90 5.39 -3.89 -7.97
C LEU A 90 6.21 -2.59 -8.19
N ARG A 91 7.28 -2.64 -9.01
CA ARG A 91 8.09 -1.46 -9.30
C ARG A 91 8.55 -1.53 -10.73
N ASN A 92 7.58 -1.59 -11.62
CA ASN A 92 7.78 -1.70 -13.04
C ASN A 92 7.67 -0.34 -13.72
N ILE A 93 8.80 0.16 -14.27
CA ILE A 93 8.85 1.43 -14.97
C ILE A 93 7.92 1.46 -16.21
N ASN A 94 7.48 0.29 -16.70
CA ASN A 94 6.59 0.22 -17.86
C ASN A 94 5.13 0.58 -17.50
N ASN A 95 4.73 0.34 -16.25
CA ASN A 95 3.38 0.63 -15.76
C ASN A 95 3.11 2.13 -15.82
N THR A 96 2.13 2.52 -16.64
CA THR A 96 1.72 3.91 -16.82
C THR A 96 0.43 4.24 -16.06
N HIS A 97 -0.42 3.24 -15.86
CA HIS A 97 -1.69 3.42 -15.17
C HIS A 97 -1.82 2.44 -14.01
N ILE A 98 -2.65 2.81 -13.03
CA ILE A 98 -2.98 1.97 -11.87
C ILE A 98 -4.48 1.74 -11.88
N LEU A 99 -4.91 0.51 -12.14
CA LEU A 99 -6.31 0.14 -12.14
C LEU A 99 -6.64 -0.41 -10.74
N PHE A 100 -7.78 -0.01 -10.17
CA PHE A 100 -8.20 -0.51 -8.89
C PHE A 100 -9.69 -0.57 -8.76
N CYS A 101 -10.21 -1.58 -8.06
CA CYS A 101 -11.64 -1.74 -7.76
C CYS A 101 -11.73 -1.90 -6.27
N SER A 102 -11.98 -0.81 -5.54
CA SER A 102 -11.97 -0.85 -4.07
C SER A 102 -12.75 0.29 -3.47
N ASP A 103 -13.41 0.05 -2.32
CA ASP A 103 -14.08 1.15 -1.63
C ASP A 103 -13.28 1.63 -0.40
N VAL A 104 -11.99 1.20 -0.24
CA VAL A 104 -11.20 1.58 0.95
C VAL A 104 -10.68 3.00 0.93
N LEU A 105 -10.73 3.68 -0.23
CA LEU A 105 -10.20 5.03 -0.34
C LEU A 105 -11.22 6.13 -0.31
N TYR A 106 -12.49 5.84 -0.06
CA TYR A 106 -13.50 6.89 0.02
C TYR A 106 -13.33 7.70 1.27
N SER A 107 -13.74 8.98 1.24
CA SER A 107 -13.69 9.82 2.41
C SER A 107 -14.93 9.58 3.29
N LYS A 108 -15.01 10.22 4.48
CA LYS A 108 -16.00 10.05 5.54
C LYS A 108 -17.48 10.00 5.16
N TRP A 109 -17.88 10.46 3.99
CA TRP A 109 -19.31 10.41 3.57
C TRP A 109 -19.76 8.93 3.31
N TYR A 110 -18.81 8.05 3.01
CA TYR A 110 -19.02 6.64 2.73
C TYR A 110 -18.60 5.83 3.93
N ASN A 111 -19.47 4.94 4.37
CA ASN A 111 -19.12 4.01 5.45
C ASN A 111 -20.14 2.86 5.57
N LEU A 112 -19.71 1.73 6.13
CA LEU A 112 -20.57 0.58 6.32
C LEU A 112 -21.77 0.88 7.19
N GLN A 113 -21.66 1.71 8.23
CA GLN A 113 -22.82 2.01 9.11
C GLN A 113 -24.01 2.52 8.35
N ASN A 114 -23.76 3.29 7.28
CA ASN A 114 -24.82 3.76 6.39
C ASN A 114 -25.39 2.53 5.68
N SER A 115 -26.66 2.61 5.28
CA SER A 115 -27.25 1.52 4.51
C SER A 115 -26.61 1.56 3.09
N ILE A 116 -26.72 0.45 2.35
CA ILE A 116 -26.24 0.38 0.98
C ILE A 116 -27.04 1.39 0.10
N LEU A 117 -28.33 1.64 0.43
CA LEU A 117 -29.18 2.62 -0.23
C LEU A 117 -28.53 4.01 -0.16
N GLN A 118 -28.11 4.42 1.05
CA GLN A 118 -27.47 5.71 1.26
C GLN A 118 -26.12 5.80 0.52
N ASN A 119 -25.26 4.79 0.69
CA ASN A 119 -23.95 4.74 0.04
C ASN A 119 -24.03 4.77 -1.46
N GLU A 120 -24.95 4.01 -2.05
CA GLU A 120 -25.10 3.96 -3.49
C GLU A 120 -25.63 5.28 -4.04
N ASN A 121 -26.60 5.85 -3.38
CA ASN A 121 -27.16 7.14 -3.76
C ASN A 121 -26.12 8.25 -3.74
N GLU A 122 -25.31 8.30 -2.66
CA GLU A 122 -24.34 9.34 -2.45
C GLU A 122 -23.15 9.21 -3.39
N LEU A 123 -22.72 7.98 -3.66
CA LEU A 123 -21.62 7.74 -4.58
C LEU A 123 -22.00 8.12 -5.99
N THR A 124 -23.20 7.69 -6.49
CA THR A 124 -23.56 8.07 -7.87
C THR A 124 -23.78 9.60 -7.99
N LYS A 125 -24.33 10.21 -6.95
CA LYS A 125 -24.54 11.64 -6.91
C LYS A 125 -23.19 12.38 -6.94
N ARG A 126 -22.17 11.88 -6.20
CA ARG A 126 -20.85 12.50 -6.22
C ARG A 126 -20.09 12.21 -7.49
N LEU A 127 -20.28 11.02 -8.07
CA LEU A 127 -19.63 10.70 -9.32
C LEU A 127 -20.14 11.58 -10.46
N SER A 128 -21.43 11.92 -10.45
CA SER A 128 -22.02 12.75 -11.52
C SER A 128 -21.46 14.18 -11.41
N ASN A 129 -21.53 14.73 -10.21
CA ASN A 129 -21.07 16.04 -9.83
C ASN A 129 -19.54 16.24 -10.04
N LEU A 130 -18.72 15.29 -9.57
CA LEU A 130 -17.28 15.39 -9.60
C LEU A 130 -16.63 14.87 -10.90
N THR A 131 -17.39 14.75 -12.01
CA THR A 131 -16.80 14.30 -13.26
C THR A 131 -17.13 15.22 -14.41
N ILE A 132 -16.20 15.31 -15.36
CA ILE A 132 -16.37 15.96 -16.64
C ILE A 132 -16.24 14.74 -17.56
N GLY A 133 -17.37 14.25 -18.10
CA GLY A 133 -17.36 13.01 -18.84
C GLY A 133 -17.16 11.90 -17.83
N ASN A 134 -16.13 11.07 -18.03
CA ASN A 134 -15.75 10.01 -17.12
C ASN A 134 -14.51 10.37 -16.27
N LYS A 135 -14.01 11.62 -16.36
CA LYS A 135 -12.79 12.07 -15.69
C LYS A 135 -13.11 12.82 -14.39
N LEU A 136 -12.48 12.43 -13.27
CA LEU A 136 -12.72 13.09 -11.99
C LEU A 136 -12.08 14.47 -11.93
N LYS A 137 -12.81 15.45 -11.42
CA LYS A 137 -12.30 16.79 -11.19
C LYS A 137 -11.27 16.71 -10.06
N ASN A 138 -10.24 17.56 -10.10
CA ASN A 138 -9.19 17.54 -9.07
C ASN A 138 -9.74 17.61 -7.63
N ARG A 139 -10.83 18.38 -7.38
CA ARG A 139 -11.45 18.52 -6.05
C ARG A 139 -11.90 17.21 -5.44
N ALA A 140 -12.10 16.18 -6.25
CA ALA A 140 -12.47 14.85 -5.79
C ALA A 140 -11.31 14.10 -5.12
N LEU A 141 -10.09 14.44 -5.46
CA LEU A 141 -8.91 13.72 -5.03
C LEU A 141 -8.22 14.38 -3.86
N PRO A 142 -7.31 13.66 -3.17
CA PRO A 142 -6.47 14.34 -2.18
C PRO A 142 -5.57 15.40 -2.85
N TYR A 143 -5.19 16.49 -2.13
CA TYR A 143 -4.29 17.52 -2.66
C TYR A 143 -2.95 16.92 -3.07
N GLU A 144 -2.49 15.89 -2.35
CA GLU A 144 -1.21 15.27 -2.66
C GLU A 144 -1.21 14.68 -4.05
N TRP A 145 -2.35 14.09 -4.47
CA TRP A 145 -2.50 13.53 -5.82
C TRP A 145 -2.66 14.56 -6.96
N ALA A 146 -3.31 15.68 -6.68
CA ALA A 146 -3.57 16.69 -7.71
C ALA A 146 -3.83 18.00 -7.05
N LYS A 147 -3.23 19.08 -7.56
CA LYS A 147 -3.46 20.41 -7.02
C LYS A 147 -4.94 20.78 -7.13
N GLY A 148 -5.46 21.43 -6.12
CA GLY A 148 -6.88 21.72 -6.04
C GLY A 148 -7.68 20.56 -5.45
N GLY A 149 -7.01 19.58 -4.85
CA GLY A 149 -7.63 18.42 -4.26
C GLY A 149 -8.29 18.70 -2.91
N LEU A 150 -9.57 18.35 -2.76
CA LEU A 150 -10.36 18.61 -1.55
C LEU A 150 -10.99 17.36 -0.93
N ASN A 151 -10.53 16.17 -1.31
CA ASN A 151 -11.02 14.90 -0.80
C ASN A 151 -12.54 14.73 -0.93
N ARG A 152 -13.16 15.31 -1.98
CA ARG A 152 -14.61 15.20 -2.11
C ARG A 152 -15.06 13.77 -2.53
N LEU A 153 -14.14 12.93 -2.98
CA LEU A 153 -14.44 11.54 -3.29
C LEU A 153 -13.54 10.63 -2.47
N PHE A 154 -12.21 10.79 -2.61
CA PHE A 154 -11.18 9.97 -1.98
C PHE A 154 -10.51 10.66 -0.82
N ARG A 155 -10.18 9.87 0.21
CA ARG A 155 -9.49 10.32 1.42
C ARG A 155 -7.98 10.27 1.21
N ASN A 156 -7.24 10.86 2.15
CA ASN A 156 -5.80 10.78 2.16
C ASN A 156 -5.37 9.36 2.63
N ILE A 157 -4.30 8.83 2.05
CA ILE A 157 -3.71 7.57 2.50
C ILE A 157 -2.99 7.88 3.86
N SER A 158 -3.01 6.92 4.77
CA SER A 158 -2.44 7.08 6.10
C SER A 158 -1.24 6.13 6.30
N VAL A 159 -0.55 6.26 7.43
CA VAL A 159 0.61 5.45 7.82
C VAL A 159 0.31 3.93 7.87
N LEU A 160 -0.84 3.54 8.42
CA LEU A 160 -1.19 2.12 8.53
C LEU A 160 -1.70 1.45 7.28
N ASP A 161 -2.07 2.21 6.25
CA ASP A 161 -2.59 1.65 5.01
C ASP A 161 -1.71 0.61 4.39
N VAL A 162 -0.38 0.76 4.45
CA VAL A 162 0.58 -0.17 3.85
C VAL A 162 0.52 -1.57 4.49
N CYS A 163 0.08 -1.66 5.77
CA CYS A 163 -0.01 -2.94 6.47
C CYS A 163 -1.10 -3.85 5.87
N SER A 164 -2.20 -3.27 5.40
CA SER A 164 -3.34 -4.04 4.90
C SER A 164 -3.62 -3.86 3.42
N ARG A 165 -3.14 -2.77 2.84
CA ARG A 165 -3.25 -2.44 1.42
C ARG A 165 -1.84 -2.09 0.93
N PRO A 166 -0.87 -3.03 0.98
CA PRO A 166 0.49 -2.71 0.56
C PRO A 166 0.61 -2.28 -0.91
N GLU A 167 -0.05 -2.99 -1.84
CA GLU A 167 0.01 -2.64 -3.27
C GLU A 167 -0.60 -1.25 -3.52
N MET A 168 -1.69 -0.87 -2.84
CA MET A 168 -2.28 0.47 -2.98
C MET A 168 -1.24 1.56 -2.66
N VAL A 169 -0.48 1.36 -1.58
CA VAL A 169 0.51 2.33 -1.16
C VAL A 169 1.73 2.32 -2.07
N LEU A 170 2.29 1.14 -2.39
CA LEU A 170 3.45 1.09 -3.29
C LEU A 170 3.18 1.73 -4.66
N LEU A 171 1.96 1.50 -5.21
CA LEU A 171 1.55 2.00 -6.52
C LEU A 171 0.97 3.42 -6.55
N LEU A 172 0.34 3.88 -5.47
CA LEU A 172 -0.33 5.17 -5.49
C LEU A 172 0.31 6.25 -4.67
N ASN A 173 1.16 5.91 -3.70
CA ASN A 173 1.77 6.94 -2.85
C ASN A 173 2.63 7.88 -3.67
N LYS A 174 2.48 9.17 -3.43
CA LYS A 174 3.31 10.16 -4.08
C LYS A 174 4.65 10.35 -3.36
N THR A 175 4.69 10.11 -2.04
CA THR A 175 5.87 10.19 -1.18
C THR A 175 5.98 8.90 -0.32
N TYR A 176 7.21 8.44 -0.09
CA TYR A 176 7.49 7.31 0.78
C TYR A 176 7.93 7.92 2.09
N TYR A 177 7.23 7.59 3.18
CA TYR A 177 7.63 8.02 4.50
C TYR A 177 7.97 6.75 5.26
N THR A 178 9.14 6.67 5.83
CA THR A 178 9.53 5.53 6.66
C THR A 178 8.92 5.73 8.03
N PHE A 179 8.72 4.64 8.76
CA PHE A 179 8.39 4.71 10.17
C PHE A 179 9.43 3.76 10.78
N SER A 180 10.44 4.30 11.44
CA SER A 180 11.56 3.52 11.91
C SER A 180 11.92 3.64 13.38
N LEU A 181 12.24 2.50 13.98
CA LEU A 181 12.79 2.38 15.33
C LEU A 181 14.07 1.52 15.26
N TRP A 182 14.80 1.59 14.14
CA TRP A 182 16.03 0.87 13.90
C TRP A 182 17.14 1.81 14.32
N GLU A 183 18.06 1.29 15.11
CA GLU A 183 19.20 2.03 15.62
C GLU A 183 20.07 2.53 14.48
N GLY A 184 20.45 3.81 14.51
CA GLY A 184 21.25 4.40 13.46
C GLY A 184 20.47 5.37 12.59
N ASP A 185 19.17 5.11 12.42
CA ASP A 185 18.31 5.95 11.60
C ASP A 185 18.06 7.26 12.31
N CYS A 186 18.06 8.38 11.56
CA CYS A 186 17.97 9.74 12.12
C CYS A 186 19.10 10.01 13.15
N ASN A 187 20.18 9.20 13.10
CA ASN A 187 21.33 9.24 14.01
C ASN A 187 20.94 8.96 15.47
N ILE A 188 19.89 8.18 15.67
CA ILE A 188 19.44 7.81 17.01
C ILE A 188 20.05 6.46 17.36
N THR A 189 20.91 6.42 18.37
CA THR A 189 21.54 5.20 18.86
C THR A 189 21.04 4.91 20.29
N ARG A 190 21.32 3.71 20.81
CA ARG A 190 20.97 3.32 22.18
C ARG A 190 21.60 4.25 23.23
N TYR A 191 22.65 5.01 22.85
CA TYR A 191 23.37 5.90 23.75
C TYR A 191 22.84 7.34 23.75
N ASN A 192 22.24 7.82 22.64
CA ASN A 192 21.81 9.23 22.58
C ASN A 192 20.29 9.49 22.52
N VAL A 193 19.43 8.54 22.94
CA VAL A 193 17.97 8.78 22.94
C VAL A 193 17.63 9.91 23.97
N ASN A 194 18.37 9.98 25.09
CA ASN A 194 18.21 11.02 26.12
C ASN A 194 18.57 12.44 25.61
N GLU A 195 18.99 12.57 24.35
CA GLU A 195 19.40 13.83 23.72
C GLU A 195 18.65 14.07 22.41
N THR A 196 18.33 13.01 21.68
CA THR A 196 17.59 13.14 20.42
C THR A 196 16.06 13.16 20.64
N VAL A 197 15.58 12.54 21.74
CA VAL A 197 14.16 12.47 22.08
C VAL A 197 13.91 13.37 23.27
N PRO A 198 13.19 14.49 23.05
CA PRO A 198 12.97 15.46 24.15
C PRO A 198 12.14 14.93 25.30
N GLU A 199 11.09 14.14 24.98
CA GLU A 199 10.20 13.53 25.98
C GLU A 199 10.92 12.50 26.89
N CYS A 200 12.20 12.17 26.59
CA CYS A 200 13.04 11.22 27.33
C CYS A 200 14.25 11.93 27.89
N LYS A 201 14.66 11.56 29.12
CA LYS A 201 15.85 12.08 29.80
C LYS A 201 16.24 11.24 31.02
N ASP A 202 16.43 9.93 30.82
CA ASP A 202 16.87 8.99 31.86
C ASP A 202 18.03 8.11 31.33
N ASP A 210 6.27 3.51 34.36
CA ASP A 210 6.06 3.84 32.94
C ASP A 210 6.17 2.57 32.05
N HIS A 211 5.57 2.63 30.83
CA HIS A 211 5.54 1.55 29.81
C HIS A 211 6.91 0.89 29.64
N PRO A 212 6.98 -0.45 29.55
CA PRO A 212 8.29 -1.08 29.37
C PRO A 212 8.98 -0.65 28.08
N TYR A 213 8.21 -0.33 27.01
CA TYR A 213 8.77 0.06 25.73
C TYR A 213 9.22 1.52 25.63
N SER A 214 9.06 2.32 26.70
CA SER A 214 9.45 3.73 26.75
C SER A 214 10.93 3.99 26.46
N CYS A 215 11.21 5.08 25.74
CA CYS A 215 12.54 5.59 25.44
C CYS A 215 13.50 4.56 24.91
N ARG A 216 13.01 3.66 24.06
CA ARG A 216 13.82 2.57 23.54
C ARG A 216 13.62 2.35 22.07
N LEU A 217 14.67 1.86 21.44
CA LEU A 217 14.69 1.45 20.05
C LEU A 217 14.16 0.02 19.97
N TRP A 218 13.79 -0.42 18.77
CA TRP A 218 13.27 -1.75 18.58
C TRP A 218 14.39 -2.70 18.15
N ARG A 219 15.01 -2.44 17.01
CA ARG A 219 16.07 -3.26 16.48
C ARG A 219 17.38 -2.56 16.56
N TYR A 220 18.36 -3.28 17.12
CA TYR A 220 19.69 -2.76 17.41
C TYR A 220 20.76 -3.15 16.37
N ARG A 221 21.64 -2.20 16.07
CA ARG A 221 22.71 -2.44 15.12
C ARG A 221 23.69 -3.47 15.70
N GLU A 222 23.81 -4.64 15.07
CA GLU A 222 24.71 -5.72 15.49
C GLU A 222 26.10 -5.61 14.86
N GLY A 223 26.15 -5.58 13.54
CA GLY A 223 27.40 -5.50 12.81
C GLY A 223 27.21 -6.01 11.41
N LYS A 224 28.21 -6.72 10.88
CA LYS A 224 28.13 -7.24 9.51
C LYS A 224 27.30 -8.50 9.43
N GLU A 225 26.64 -8.67 8.30
CA GLU A 225 25.87 -9.86 8.02
C GLU A 225 26.88 -10.99 7.78
N GLU A 226 26.74 -12.12 8.47
CA GLU A 226 27.64 -13.23 8.25
C GLU A 226 27.03 -14.56 8.56
N VAL A 227 27.51 -15.60 7.88
CA VAL A 227 27.10 -16.98 8.11
C VAL A 227 28.29 -17.72 8.71
N LYS A 228 28.20 -18.14 9.97
CA LYS A 228 29.29 -18.86 10.62
C LYS A 228 29.00 -20.34 10.77
N CYS A 229 29.81 -21.19 10.14
CA CYS A 229 29.65 -22.65 10.24
C CYS A 229 30.46 -23.14 11.42
N LEU A 230 29.78 -23.49 12.52
CA LEU A 230 30.47 -23.98 13.70
C LEU A 230 30.74 -25.48 13.57
N THR A 231 29.76 -26.23 13.03
CA THR A 231 29.86 -27.68 12.85
C THR A 231 30.26 -28.06 11.40
N SER A 232 30.44 -29.36 11.14
CA SER A 232 30.76 -29.92 9.82
C SER A 232 29.60 -29.71 8.82
N ASP A 233 28.35 -29.50 9.30
CA ASP A 233 27.19 -29.32 8.42
C ASP A 233 27.26 -27.94 7.75
N HIS A 234 27.67 -27.91 6.47
CA HIS A 234 27.79 -26.65 5.74
C HIS A 234 26.51 -26.17 5.07
N THR A 235 25.41 -26.93 5.19
CA THR A 235 24.07 -26.53 4.72
C THR A 235 23.23 -25.93 5.87
N ARG A 236 23.72 -26.01 7.14
CA ARG A 236 23.05 -25.51 8.33
C ARG A 236 24.03 -24.72 9.21
N CYS A 237 24.36 -23.49 8.80
CA CYS A 237 25.27 -22.62 9.55
C CYS A 237 24.52 -21.48 10.28
N LEU A 238 25.16 -20.88 11.30
CA LEU A 238 24.59 -19.80 12.10
C LEU A 238 24.50 -18.48 11.33
N TYR A 239 23.28 -17.98 11.10
CA TYR A 239 23.12 -16.70 10.43
C TYR A 239 23.15 -15.57 11.45
N TYR A 240 23.91 -14.51 11.15
CA TYR A 240 24.07 -13.34 12.00
C TYR A 240 23.64 -12.11 11.21
N PRO A 241 22.46 -11.55 11.51
CA PRO A 241 21.96 -10.41 10.75
C PRO A 241 22.64 -9.10 11.13
N GLU A 242 22.45 -8.07 10.30
CA GLU A 242 22.99 -6.75 10.57
C GLU A 242 22.36 -6.15 11.84
N TYR A 243 21.09 -6.47 12.14
CA TYR A 243 20.36 -5.93 13.28
C TYR A 243 19.65 -7.05 14.03
N SER A 244 19.44 -6.88 15.35
CA SER A 244 18.69 -7.88 16.13
C SER A 244 17.43 -7.31 16.72
N ASN A 245 16.52 -8.18 17.07
CA ASN A 245 15.28 -7.86 17.74
C ASN A 245 15.55 -8.57 19.07
N PRO A 246 16.21 -7.88 20.03
CA PRO A 246 16.72 -8.56 21.24
C PRO A 246 15.71 -9.25 22.16
N GLU A 247 14.49 -8.78 22.23
CA GLU A 247 13.49 -9.43 23.04
C GLU A 247 12.38 -10.09 22.20
N ALA A 248 12.64 -10.35 20.89
CA ALA A 248 11.67 -10.95 19.96
C ALA A 248 10.29 -10.30 20.06
N LEU A 249 10.27 -8.97 19.94
CA LEU A 249 9.02 -8.22 20.03
C LEU A 249 8.50 -8.03 18.63
N PHE A 250 7.22 -8.25 18.43
CA PHE A 250 6.66 -8.18 17.09
C PHE A 250 5.79 -6.92 16.84
N ASP A 251 5.31 -6.27 17.90
CA ASP A 251 4.47 -5.08 17.73
C ASP A 251 5.04 -3.82 18.34
N PHE A 252 6.33 -3.77 18.62
CA PHE A 252 6.96 -2.62 19.23
C PHE A 252 6.65 -1.29 18.49
N GLY A 253 6.90 -1.27 17.19
CA GLY A 253 6.63 -0.12 16.34
C GLY A 253 5.18 0.24 16.21
N PHE A 254 4.28 -0.76 16.11
CA PHE A 254 2.83 -0.54 16.05
C PHE A 254 2.36 0.18 17.33
N LEU A 255 2.85 -0.25 18.50
CA LEU A 255 2.49 0.40 19.75
C LEU A 255 3.13 1.77 19.90
N SER A 256 4.30 1.98 19.32
CA SER A 256 4.96 3.29 19.31
C SER A 256 4.12 4.26 18.46
N TYR A 257 3.63 3.78 17.32
CA TYR A 257 2.78 4.57 16.44
C TYR A 257 1.46 4.88 17.14
N MET A 258 0.80 3.88 17.75
CA MET A 258 -0.46 4.11 18.43
C MET A 258 -0.34 4.93 19.72
N ARG A 259 0.84 5.56 19.94
CA ARG A 259 1.20 6.52 20.97
C ARG A 259 0.97 6.04 22.38
N ASN A 260 1.16 4.73 22.60
CA ASN A 260 1.06 4.12 23.93
C ASN A 260 2.14 4.61 24.95
N PHE A 261 3.30 5.16 24.46
CA PHE A 261 4.43 5.58 25.32
C PHE A 261 5.42 6.61 24.67
N PRO A 262 6.29 7.32 25.45
CA PRO A 262 7.31 8.19 24.82
C PRO A 262 8.53 7.38 24.32
N GLY A 263 9.34 7.98 23.46
CA GLY A 263 10.51 7.33 22.91
C GLY A 263 10.84 7.76 21.50
N PRO A 264 11.82 7.10 20.88
CA PRO A 264 12.22 7.49 19.52
C PRO A 264 11.32 7.05 18.40
N GLN A 265 11.41 7.79 17.27
CA GLN A 265 10.70 7.57 16.03
C GLN A 265 11.48 8.27 14.93
N CYS A 266 11.70 7.59 13.83
CA CYS A 266 12.43 8.14 12.71
C CYS A 266 11.52 8.14 11.48
N ILE A 267 11.19 9.35 11.00
CA ILE A 267 10.33 9.50 9.86
C ILE A 267 11.06 10.33 8.83
N GLU A 268 11.43 9.71 7.72
CA GLU A 268 12.11 10.37 6.61
C GLU A 268 11.24 10.25 5.36
N SER A 269 11.22 11.29 4.54
CA SER A 269 10.43 11.29 3.30
C SER A 269 11.28 11.21 2.04
N THR A 270 10.79 10.50 1.01
CA THR A 270 11.37 10.39 -0.32
C THR A 270 10.25 10.63 -1.35
N SER A 271 10.35 11.71 -2.11
CA SER A 271 9.40 12.04 -3.16
C SER A 271 9.46 10.98 -4.27
N ILE A 272 8.35 10.28 -4.55
CA ILE A 272 8.31 9.23 -5.57
C ILE A 272 7.65 9.72 -6.86
N ARG A 273 6.44 10.27 -6.76
CA ARG A 273 5.73 10.76 -7.93
C ARG A 273 5.51 12.24 -7.79
N GLN A 274 5.83 12.95 -8.84
CA GLN A 274 5.62 14.38 -8.91
C GLN A 274 4.57 14.62 -9.97
N GLN A 275 3.86 15.74 -9.85
CA GLN A 275 2.81 16.09 -10.80
C GLN A 275 1.54 15.30 -10.62
N ASP A 276 0.43 15.96 -10.98
CA ASP A 276 -0.93 15.46 -10.86
C ASP A 276 -1.23 14.14 -11.55
N TYR A 277 -2.03 13.34 -10.86
CA TYR A 277 -2.63 12.13 -11.36
C TYR A 277 -3.90 12.58 -12.16
N GLU A 278 -4.40 11.70 -13.03
CA GLU A 278 -5.65 11.82 -13.75
C GLU A 278 -6.41 10.60 -13.30
N VAL A 279 -7.65 10.79 -12.86
CA VAL A 279 -8.41 9.63 -12.38
C VAL A 279 -9.70 9.54 -13.17
N TYR A 280 -9.98 8.34 -13.69
CA TYR A 280 -11.18 8.06 -14.46
C TYR A 280 -12.05 7.14 -13.66
N SER A 281 -13.35 7.39 -13.70
CA SER A 281 -14.32 6.55 -13.02
C SER A 281 -14.91 5.56 -14.04
N ILE A 282 -14.72 4.27 -13.82
CA ILE A 282 -15.21 3.23 -14.73
C ILE A 282 -16.71 3.05 -14.62
N TYR A 283 -17.35 3.41 -13.48
CA TYR A 283 -18.81 3.42 -13.39
C TYR A 283 -19.31 4.56 -14.30
N GLN A 284 -18.69 5.76 -14.21
CA GLN A 284 -19.12 6.92 -15.00
C GLN A 284 -18.93 6.67 -16.48
N GLU A 285 -17.83 6.02 -16.86
CA GLU A 285 -17.60 5.64 -18.24
C GLU A 285 -18.69 4.65 -18.72
N CYS A 286 -19.07 3.69 -17.87
CA CYS A 286 -20.09 2.69 -18.17
C CYS A 286 -21.43 3.36 -18.45
N LYS A 287 -21.81 4.29 -17.56
CA LYS A 287 -23.07 5.02 -17.61
C LYS A 287 -23.16 5.82 -18.90
N LEU A 288 -22.07 6.49 -19.31
CA LEU A 288 -22.09 7.33 -20.51
C LEU A 288 -21.98 6.56 -21.83
N ALA A 289 -21.06 5.60 -21.93
CA ALA A 289 -20.88 4.80 -23.12
C ALA A 289 -22.09 3.90 -23.43
N SER A 290 -22.88 3.53 -22.42
CA SER A 290 -24.07 2.69 -22.66
C SER A 290 -25.18 3.42 -23.45
N LYS A 291 -25.28 4.76 -23.32
CA LYS A 291 -26.26 5.56 -24.08
C LYS A 291 -25.92 5.54 -25.60
N THR A 292 -24.65 5.32 -25.95
CA THR A 292 -24.20 5.32 -27.32
C THR A 292 -24.11 3.89 -27.89
N TYR A 293 -23.42 2.98 -27.18
CA TYR A 293 -23.14 1.64 -27.69
C TYR A 293 -24.01 0.51 -27.15
N GLY A 294 -24.77 0.77 -26.09
CA GLY A 294 -25.61 -0.25 -25.49
C GLY A 294 -24.98 -0.85 -24.26
N ILE A 295 -25.80 -1.24 -23.28
CA ILE A 295 -25.32 -1.78 -22.02
C ILE A 295 -24.54 -3.10 -22.20
N ASP A 296 -25.01 -4.00 -23.06
CA ASP A 296 -24.39 -5.30 -23.27
C ASP A 296 -22.96 -5.23 -23.77
N SER A 297 -22.69 -4.40 -24.79
CA SER A 297 -21.33 -4.24 -25.32
C SER A 297 -20.41 -3.44 -24.38
N VAL A 298 -20.96 -2.46 -23.66
CA VAL A 298 -20.19 -1.67 -22.72
C VAL A 298 -19.78 -2.50 -21.50
N LEU A 299 -20.69 -3.33 -21.02
CA LEU A 299 -20.47 -4.22 -19.90
C LEU A 299 -19.43 -5.27 -20.29
N PHE A 300 -19.55 -5.83 -21.49
CA PHE A 300 -18.61 -6.82 -22.00
C PHE A 300 -17.21 -6.20 -22.17
N SER A 301 -17.12 -5.03 -22.79
CA SER A 301 -15.86 -4.35 -23.01
C SER A 301 -15.16 -3.92 -21.71
N LEU A 302 -15.89 -3.27 -20.79
CA LEU A 302 -15.29 -2.83 -19.54
C LEU A 302 -14.90 -4.02 -18.62
N LYS A 303 -15.58 -5.17 -18.77
CA LYS A 303 -15.22 -6.37 -18.02
C LYS A 303 -13.88 -6.92 -18.52
N ASN A 304 -13.68 -6.93 -19.85
CA ASN A 304 -12.42 -7.38 -20.43
C ASN A 304 -11.29 -6.43 -20.09
N PHE A 305 -11.59 -5.12 -19.96
CA PHE A 305 -10.60 -4.12 -19.57
C PHE A 305 -10.14 -4.39 -18.14
N LEU A 306 -11.06 -4.80 -17.24
CA LEU A 306 -10.66 -5.17 -15.88
C LEU A 306 -9.80 -6.44 -15.84
N ASN A 307 -9.72 -7.18 -16.96
CA ASN A 307 -8.90 -8.39 -17.10
C ASN A 307 -7.65 -8.11 -17.97
N TYR A 308 -7.16 -6.85 -18.01
CA TYR A 308 -6.01 -6.44 -18.83
C TYR A 308 -4.70 -7.20 -18.51
N THR A 309 -4.61 -7.76 -17.30
CA THR A 309 -3.45 -8.53 -16.84
C THR A 309 -3.66 -10.06 -16.85
N GLY A 310 -4.87 -10.51 -17.13
CA GLY A 310 -5.17 -11.94 -17.10
C GLY A 310 -5.92 -12.36 -15.86
N LYS A 311 -5.90 -11.52 -14.80
CA LYS A 311 -6.64 -11.76 -13.56
C LYS A 311 -7.63 -10.58 -13.38
N PRO A 312 -8.94 -10.84 -13.29
CA PRO A 312 -9.90 -9.73 -13.14
C PRO A 312 -9.76 -8.97 -11.82
N VAL A 313 -9.57 -7.65 -11.90
CA VAL A 313 -9.39 -6.76 -10.75
C VAL A 313 -10.66 -6.70 -9.88
N ASN A 314 -11.86 -6.80 -10.47
CA ASN A 314 -13.09 -6.78 -9.68
C ASN A 314 -13.32 -8.10 -8.90
N GLU A 315 -12.61 -9.17 -9.26
CA GLU A 315 -12.64 -10.46 -8.58
C GLU A 315 -11.57 -10.58 -7.48
N MET A 316 -10.71 -9.56 -7.32
CA MET A 316 -9.66 -9.55 -6.30
C MET A 316 -10.24 -9.03 -4.98
N PRO A 317 -9.62 -9.37 -3.84
CA PRO A 317 -10.08 -8.80 -2.57
C PRO A 317 -9.91 -7.28 -2.57
N ASN A 318 -10.91 -6.57 -2.13
CA ASN A 318 -10.98 -5.12 -2.00
C ASN A 318 -9.70 -4.41 -1.48
N ALA A 319 -9.06 -4.99 -0.46
CA ALA A 319 -7.85 -4.44 0.13
C ALA A 319 -6.64 -4.53 -0.81
N ARG A 320 -6.65 -5.52 -1.73
CA ARG A 320 -5.55 -5.84 -2.62
C ARG A 320 -5.80 -5.59 -4.12
N ALA A 321 -7.01 -5.17 -4.47
CA ALA A 321 -7.39 -4.96 -5.86
C ALA A 321 -6.82 -3.69 -6.49
N PHE A 322 -5.49 -3.56 -6.52
CA PHE A 322 -4.71 -2.42 -7.03
C PHE A 322 -3.64 -3.02 -7.93
N VAL A 323 -3.73 -2.76 -9.23
CA VAL A 323 -2.83 -3.38 -10.21
C VAL A 323 -2.27 -2.37 -11.21
N GLY A 324 -1.05 -2.60 -11.67
CA GLY A 324 -0.45 -1.75 -12.70
C GLY A 324 -0.71 -2.25 -14.11
N LEU A 325 -0.93 -1.32 -15.05
CA LEU A 325 -1.17 -1.60 -16.47
C LEU A 325 -0.14 -0.89 -17.32
N ILE A 326 0.25 -1.51 -18.46
CA ILE A 326 1.21 -0.88 -19.37
C ILE A 326 0.50 -0.29 -20.58
N ASP A 327 0.44 1.03 -20.65
CA ASP A 327 -0.15 1.77 -21.77
C ASP A 327 -1.50 1.21 -22.28
N PRO A 328 -2.49 1.07 -21.39
CA PRO A 328 -3.78 0.55 -21.85
C PRO A 328 -4.54 1.58 -22.69
N LYS A 329 -5.45 1.08 -23.52
CA LYS A 329 -6.28 1.95 -24.34
C LYS A 329 -7.56 2.11 -23.56
N PHE A 330 -7.79 3.30 -23.03
CA PHE A 330 -9.00 3.61 -22.28
C PHE A 330 -9.55 4.92 -22.82
N PRO A 331 -10.87 5.00 -23.10
CA PRO A 331 -11.88 3.92 -23.02
C PRO A 331 -11.59 2.79 -24.00
N PRO A 332 -11.97 1.55 -23.66
CA PRO A 332 -11.71 0.42 -24.58
C PRO A 332 -12.55 0.47 -25.88
N THR A 333 -12.22 -0.40 -26.87
CA THR A 333 -13.02 -0.42 -28.11
C THR A 333 -14.36 -1.10 -27.80
N TYR A 334 -15.47 -0.48 -28.20
CA TYR A 334 -16.79 -1.05 -27.95
C TYR A 334 -17.29 -1.70 -29.24
N PRO A 335 -17.74 -2.97 -29.20
CA PRO A 335 -18.16 -3.64 -30.45
C PRO A 335 -19.52 -3.21 -31.00
#